data_3I3L
#
_entry.id   3I3L
#
_cell.length_a   208.090
_cell.length_b   57.736
_cell.length_c   59.883
_cell.angle_alpha   90.00
_cell.angle_beta   97.47
_cell.angle_gamma   90.00
#
_symmetry.space_group_name_H-M   'C 1 2 1'
#
loop_
_entity.id
_entity.type
_entity.pdbx_description
1 polymer 'Alkylhalidase CmlS'
2 non-polymer 'FLAVIN-ADENINE DINUCLEOTIDE'
3 water water
#
_entity_poly.entity_id   1
_entity_poly.type   'polypeptide(L)'
_entity_poly.pdbx_seq_one_letter_code
;MGSSHHHHHHSSGLVPRGSHMTRSKVAIIGGGPAGSVAGLTLHKLGHDVTIYERSAFPRYRVGESLLPGTMSILNRLGLQ
EKIDAQNYVKKPSATFLWGQDQAPWTFSFAAPKVAPWVFDHAVQVKREEFDKLLLDEARSRGITVHEETPVTDVDLSDPD
RVVLTVRRGGESVTVESDFVIDAGGSGGPISRKLGVRQYDEFYRNFAVWSYFKLKDPFEGDLKGTTYSITFEDGWVWMIP
IKDDLYSVGLVVDRSKSAEVREQGADAFYSSTLAKCAKAMDILGGAEQVDEVRIVQDWSYDTEVFSADRFFLCGDAACFT
DPLFSQGVHLASQSAVSAAAAIDRITRHGDEKDAVHAWYNRTYREAYEQYHQFLASFYTFASFTEPDSEFWRKRRITESD
DDRLTRKKWFESLAGNGPEDPSGTVASFRDRASTMIAIGRHQRPELSDDFSEAELNPARVRWISDLTKRLNSITRFKWTG
GKAVLKQHYRVEPIGFRLEQREVLANGEGLDMAQYPMDDEARQIFQDLAEEEFGYKTLVKRLGAVGRQELSTQIVVRLME
AGLLTGYDAQGEKVFVQGRLHFGGVGVEYEV
;
_entity_poly.pdbx_strand_id   A
#
# COMPACT_ATOMS: atom_id res chain seq x y z
N HIS A 20 1.02 32.08 -9.16
CA HIS A 20 1.02 31.12 -10.33
C HIS A 20 2.37 30.86 -10.94
N MET A 21 3.26 31.83 -10.87
CA MET A 21 4.64 31.60 -11.27
C MET A 21 5.47 31.26 -10.06
N THR A 22 4.91 31.44 -8.86
CA THR A 22 5.66 31.14 -7.60
C THR A 22 5.97 29.65 -7.44
N ARG A 23 7.20 29.39 -7.05
CA ARG A 23 7.67 28.06 -6.67
C ARG A 23 8.45 28.11 -5.35
N SER A 24 8.58 26.96 -4.68
CA SER A 24 9.14 26.86 -3.34
C SER A 24 10.52 26.25 -3.35
N LYS A 25 11.31 26.67 -2.38
CA LYS A 25 12.51 25.93 -2.00
C LYS A 25 12.14 24.82 -1.02
N VAL A 26 12.52 23.58 -1.32
CA VAL A 26 12.10 22.46 -0.49
C VAL A 26 13.25 21.59 -0.10
N ALA A 27 13.44 21.41 1.21
CA ALA A 27 14.40 20.47 1.74
C ALA A 27 13.74 19.09 1.90
N ILE A 28 14.48 18.05 1.54
CA ILE A 28 14.00 16.72 1.66
C ILE A 28 14.95 15.91 2.46
N ILE A 29 14.48 15.39 3.58
CA ILE A 29 15.31 14.51 4.43
C ILE A 29 15.18 13.06 4.01
N GLY A 30 16.28 12.44 3.55
CA GLY A 30 16.29 11.06 3.13
C GLY A 30 16.28 10.89 1.62
N GLY A 31 17.15 10.01 1.11
CA GLY A 31 17.16 9.74 -0.33
C GLY A 31 16.74 8.33 -0.70
N GLY A 32 15.91 7.67 0.14
CA GLY A 32 15.32 6.37 -0.26
C GLY A 32 14.22 6.67 -1.27
N PRO A 33 13.36 5.68 -1.61
CA PRO A 33 12.28 5.85 -2.56
C PRO A 33 11.38 7.05 -2.23
N ALA A 34 10.97 7.25 -0.95
CA ALA A 34 10.11 8.43 -0.64
C ALA A 34 10.83 9.72 -1.03
N GLY A 35 12.09 9.85 -0.61
CA GLY A 35 12.87 11.07 -0.94
C GLY A 35 13.10 11.34 -2.43
N SER A 36 13.59 10.33 -3.15
CA SER A 36 13.85 10.46 -4.57
C SER A 36 12.60 10.78 -5.38
N VAL A 37 11.53 10.02 -5.15
CA VAL A 37 10.28 10.25 -5.86
C VAL A 37 9.73 11.59 -5.52
N ALA A 38 9.81 11.98 -4.24
CA ALA A 38 9.32 13.34 -3.87
C ALA A 38 10.13 14.44 -4.65
N GLY A 39 11.45 14.29 -4.71
CA GLY A 39 12.30 15.30 -5.36
C GLY A 39 12.08 15.33 -6.87
N LEU A 40 12.08 14.18 -7.51
CA LEU A 40 11.71 14.07 -8.94
C LEU A 40 10.36 14.69 -9.23
N THR A 41 9.37 14.45 -8.39
CA THR A 41 8.04 15.00 -8.69
C THR A 41 8.01 16.52 -8.48
N LEU A 42 8.61 17.01 -7.37
CA LEU A 42 8.69 18.44 -7.08
C LEU A 42 9.49 19.20 -8.18
N HIS A 43 10.55 18.60 -8.71
CA HIS A 43 11.33 19.18 -9.81
C HIS A 43 10.48 19.30 -11.10
N LYS A 44 9.79 18.22 -11.47
CA LYS A 44 8.90 18.23 -12.63
C LYS A 44 7.81 19.30 -12.43
N LEU A 45 7.41 19.54 -11.17
CA LEU A 45 6.40 20.57 -10.91
C LEU A 45 7.02 21.99 -10.84
N GLY A 46 8.33 22.07 -11.01
CA GLY A 46 9.03 23.32 -11.19
C GLY A 46 9.57 23.92 -9.90
N HIS A 47 9.73 23.12 -8.85
CA HIS A 47 10.20 23.62 -7.59
C HIS A 47 11.65 23.36 -7.42
N ASP A 48 12.22 23.93 -6.36
CA ASP A 48 13.67 23.92 -6.21
C ASP A 48 14.10 22.95 -5.06
N VAL A 49 14.67 21.80 -5.42
CA VAL A 49 14.77 20.69 -4.46
C VAL A 49 16.18 20.46 -3.95
N THR A 50 16.32 20.25 -2.65
CA THR A 50 17.55 19.70 -2.09
C THR A 50 17.32 18.39 -1.27
N ILE A 51 18.08 17.33 -1.54
CA ILE A 51 17.95 16.09 -0.82
C ILE A 51 19.17 15.82 0.04
N TYR A 52 18.95 15.65 1.35
CA TYR A 52 19.97 15.32 2.33
C TYR A 52 19.84 13.85 2.76
N GLU A 53 20.82 13.01 2.41
CA GLU A 53 20.85 11.60 2.74
C GLU A 53 22.04 11.33 3.64
N ARG A 54 21.82 10.72 4.81
CA ARG A 54 22.95 10.54 5.78
C ARG A 54 23.97 9.49 5.31
N SER A 55 23.55 8.56 4.45
CA SER A 55 24.45 7.45 4.09
C SER A 55 25.16 7.76 2.81
N ALA A 56 26.09 6.88 2.45
CA ALA A 56 26.70 6.88 1.17
C ALA A 56 25.99 5.80 0.40
N PHE A 57 25.61 6.07 -0.86
CA PHE A 57 25.01 5.01 -1.70
C PHE A 57 26.08 4.40 -2.57
N PRO A 58 25.95 3.11 -2.89
CA PRO A 58 24.82 2.23 -2.49
C PRO A 58 24.92 1.80 -1.04
N ARG A 59 23.76 1.57 -0.40
CA ARG A 59 23.75 1.03 0.95
C ARG A 59 22.67 -0.02 1.00
N TYR A 60 22.95 -1.12 1.73
CA TYR A 60 22.07 -2.30 1.85
C TYR A 60 20.75 -1.93 2.51
N ARG A 61 19.64 -2.49 2.00
CA ARG A 61 18.31 -2.22 2.54
C ARG A 61 17.35 -3.39 2.21
N VAL A 62 16.61 -3.83 3.19
CA VAL A 62 15.63 -4.86 3.03
C VAL A 62 14.38 -4.17 2.50
N GLY A 63 13.51 -4.94 1.85
CA GLY A 63 12.19 -4.43 1.35
C GLY A 63 12.20 -4.47 -0.15
N GLU A 64 12.17 -5.68 -0.70
CA GLU A 64 12.63 -5.92 -2.05
C GLU A 64 11.57 -6.16 -3.12
N SER A 65 10.32 -6.34 -2.69
CA SER A 65 9.30 -6.78 -3.66
C SER A 65 8.35 -5.62 -3.91
N LEU A 66 8.30 -5.21 -5.19
CA LEU A 66 7.56 -4.01 -5.59
C LEU A 66 6.20 -4.27 -6.23
N LEU A 67 5.48 -3.18 -6.54
CA LEU A 67 4.09 -3.32 -7.03
C LEU A 67 3.90 -2.54 -8.34
N PRO A 68 2.94 -2.95 -9.14
CA PRO A 68 2.64 -2.29 -10.43
C PRO A 68 2.41 -0.80 -10.29
N GLY A 69 1.77 -0.41 -9.17
CA GLY A 69 1.42 1.01 -8.96
C GLY A 69 2.66 1.90 -8.89
N THR A 70 3.74 1.35 -8.36
CA THR A 70 4.99 2.10 -8.26
C THR A 70 5.72 2.17 -9.61
N MET A 71 5.64 1.10 -10.42
CA MET A 71 6.23 1.13 -11.78
C MET A 71 5.49 2.17 -12.62
N SER A 72 4.18 2.24 -12.46
CA SER A 72 3.39 3.23 -13.15
C SER A 72 3.93 4.64 -12.82
N ILE A 73 4.26 4.88 -11.56
CA ILE A 73 4.68 6.19 -11.14
C ILE A 73 6.03 6.50 -11.73
N LEU A 74 6.95 5.56 -11.60
CA LEU A 74 8.27 5.72 -12.15
C LEU A 74 8.21 5.91 -13.69
N ASN A 75 7.29 5.26 -14.36
CA ASN A 75 7.17 5.37 -15.81
C ASN A 75 6.75 6.81 -16.15
N ARG A 76 5.72 7.34 -15.44
CA ARG A 76 5.25 8.70 -15.64
C ARG A 76 6.25 9.79 -15.25
N LEU A 77 7.27 9.42 -14.49
CA LEU A 77 8.34 10.33 -14.12
C LEU A 77 9.55 10.14 -15.04
N GLY A 78 9.43 9.24 -16.03
CA GLY A 78 10.44 9.16 -17.10
C GLY A 78 11.54 8.15 -16.92
N LEU A 79 11.35 7.22 -16.03
CA LEU A 79 12.42 6.30 -15.71
C LEU A 79 12.38 4.96 -16.46
N GLN A 80 11.41 4.80 -17.35
CA GLN A 80 11.17 3.49 -18.01
C GLN A 80 12.41 2.85 -18.67
N GLU A 81 13.16 3.65 -19.41
CA GLU A 81 14.32 3.12 -20.13
C GLU A 81 15.40 2.72 -19.14
N LYS A 82 15.74 3.59 -18.17
CA LYS A 82 16.73 3.23 -17.15
C LYS A 82 16.31 1.94 -16.42
N ILE A 83 15.02 1.82 -16.13
CA ILE A 83 14.55 0.63 -15.41
C ILE A 83 14.63 -0.65 -16.28
N ASP A 84 14.16 -0.56 -17.52
CA ASP A 84 14.27 -1.69 -18.46
C ASP A 84 15.70 -2.16 -18.56
N ALA A 85 16.63 -1.21 -18.62
CA ALA A 85 18.07 -1.48 -18.59
C ALA A 85 18.53 -2.36 -17.46
N GLN A 86 17.85 -2.28 -16.31
CA GLN A 86 18.37 -2.97 -15.12
C GLN A 86 18.11 -4.48 -15.14
N ASN A 87 17.18 -4.94 -15.98
CA ASN A 87 16.79 -6.35 -16.02
C ASN A 87 16.37 -6.95 -14.67
N TYR A 88 15.47 -6.26 -13.96
CA TYR A 88 15.04 -6.68 -12.63
C TYR A 88 14.28 -7.95 -12.82
N VAL A 89 14.37 -8.89 -11.87
CA VAL A 89 13.50 -10.07 -11.96
C VAL A 89 12.03 -9.64 -12.03
N LYS A 90 11.25 -10.19 -12.97
CA LYS A 90 9.83 -9.81 -13.11
C LYS A 90 8.92 -10.58 -12.14
N LYS A 91 7.99 -9.85 -11.53
CA LYS A 91 7.06 -10.47 -10.56
C LYS A 91 5.65 -10.45 -11.10
N PRO A 92 5.06 -11.63 -11.33
CA PRO A 92 3.71 -11.74 -11.93
C PRO A 92 2.59 -11.56 -10.93
N SER A 93 2.91 -11.83 -9.68
CA SER A 93 1.90 -12.05 -8.64
C SER A 93 2.52 -12.21 -7.25
N ALA A 94 1.66 -12.46 -6.27
CA ALA A 94 2.12 -12.90 -4.96
C ALA A 94 1.39 -14.21 -4.64
N THR A 95 2.14 -15.18 -4.16
CA THR A 95 1.55 -16.45 -3.78
C THR A 95 1.61 -16.69 -2.25
N PHE A 96 0.53 -17.21 -1.71
CA PHE A 96 0.35 -17.37 -0.27
C PHE A 96 0.08 -18.81 0.12
N LEU A 97 0.87 -19.33 1.07
CA LEU A 97 0.56 -20.65 1.66
C LEU A 97 0.09 -20.38 3.04
N TRP A 98 -1.24 -20.32 3.20
CA TRP A 98 -1.86 -19.54 4.27
C TRP A 98 -2.73 -20.37 5.20
N GLY A 99 -2.16 -20.75 6.33
CA GLY A 99 -2.78 -21.72 7.20
C GLY A 99 -2.23 -23.09 6.91
N GLN A 100 -2.64 -24.09 7.70
CA GLN A 100 -2.11 -25.45 7.49
C GLN A 100 -3.10 -26.25 6.67
N ASP A 101 -2.58 -27.14 5.82
CA ASP A 101 -3.45 -27.94 4.93
C ASP A 101 -4.47 -27.12 4.17
N GLN A 102 -4.02 -26.00 3.61
CA GLN A 102 -4.90 -25.23 2.74
C GLN A 102 -4.32 -25.32 1.37
N ALA A 103 -5.19 -25.33 0.38
CA ALA A 103 -4.76 -25.13 -1.00
C ALA A 103 -4.01 -23.76 -1.05
N PRO A 104 -2.98 -23.66 -1.85
CA PRO A 104 -2.32 -22.36 -2.13
C PRO A 104 -3.26 -21.34 -2.76
N TRP A 105 -3.00 -20.05 -2.55
CA TRP A 105 -3.66 -19.05 -3.39
C TRP A 105 -2.72 -17.98 -3.96
N THR A 106 -3.06 -17.44 -5.13
CA THR A 106 -2.21 -16.46 -5.78
C THR A 106 -2.97 -15.19 -6.15
N PHE A 107 -2.37 -14.03 -5.84
CA PHE A 107 -2.92 -12.73 -6.25
C PHE A 107 -2.27 -12.20 -7.51
N SER A 108 -2.96 -12.34 -8.64
CA SER A 108 -2.41 -12.01 -9.96
C SER A 108 -2.35 -10.52 -10.14
N PHE A 109 -1.29 -10.05 -10.78
CA PHE A 109 -1.18 -8.60 -11.11
C PHE A 109 -1.84 -8.24 -12.47
N ALA A 110 -2.37 -9.27 -13.15
CA ALA A 110 -3.17 -9.12 -14.39
C ALA A 110 -4.05 -7.88 -14.35
N ALA A 111 -3.97 -7.07 -15.42
CA ALA A 111 -4.82 -5.86 -15.60
C ALA A 111 -4.67 -5.22 -17.02
N PRO A 112 -5.80 -4.80 -17.66
CA PRO A 112 -5.77 -4.09 -18.96
C PRO A 112 -5.05 -2.75 -18.90
N ALA A 115 -4.66 2.63 -20.08
CA ALA A 115 -3.59 3.68 -20.29
C ALA A 115 -2.15 3.07 -20.34
N PRO A 116 -1.20 3.75 -21.04
CA PRO A 116 0.23 3.33 -21.22
C PRO A 116 1.02 3.02 -19.94
N TRP A 117 0.66 3.68 -18.83
CA TRP A 117 1.38 3.53 -17.53
C TRP A 117 0.74 2.45 -16.64
N VAL A 118 -0.35 1.82 -17.10
CA VAL A 118 -0.98 0.74 -16.31
C VAL A 118 -0.17 -0.55 -16.46
N PHE A 119 0.32 -1.05 -15.33
CA PHE A 119 1.20 -2.22 -15.33
C PHE A 119 0.53 -3.52 -14.84
N ASP A 120 1.00 -4.62 -15.41
CA ASP A 120 0.39 -5.94 -15.27
C ASP A 120 1.36 -6.80 -14.45
N HIS A 121 2.51 -6.22 -14.09
CA HIS A 121 3.51 -6.91 -13.32
C HIS A 121 4.33 -5.86 -12.51
N ALA A 122 5.21 -6.33 -11.63
CA ALA A 122 6.19 -5.45 -11.06
C ALA A 122 7.47 -6.21 -11.06
N VAL A 123 8.38 -5.88 -10.14
CA VAL A 123 9.69 -6.51 -10.17
C VAL A 123 10.18 -6.71 -8.77
N GLN A 124 11.25 -7.46 -8.65
CA GLN A 124 11.93 -7.65 -7.39
C GLN A 124 13.31 -6.96 -7.56
N VAL A 125 13.81 -6.31 -6.50
CA VAL A 125 15.06 -5.59 -6.63
C VAL A 125 16.00 -5.79 -5.47
N LYS A 126 17.27 -5.50 -5.72
CA LYS A 126 18.23 -5.29 -4.70
C LYS A 126 18.15 -3.81 -4.37
N ARG A 127 17.70 -3.49 -3.16
CA ARG A 127 17.35 -2.10 -2.79
C ARG A 127 18.53 -1.13 -2.85
N GLU A 128 19.73 -1.60 -2.52
CA GLU A 128 20.94 -0.78 -2.62
C GLU A 128 21.12 -0.27 -4.06
N GLU A 129 20.69 -1.06 -5.04
CA GLU A 129 20.87 -0.69 -6.44
C GLU A 129 19.72 0.13 -6.95
N PHE A 130 18.51 -0.30 -6.65
CA PHE A 130 17.31 0.43 -6.99
C PHE A 130 17.27 1.83 -6.37
N ASP A 131 17.52 1.93 -5.09
CA ASP A 131 17.50 3.25 -4.42
C ASP A 131 18.56 4.20 -5.05
N LYS A 132 19.72 3.66 -5.42
CA LYS A 132 20.78 4.47 -5.98
C LYS A 132 20.47 4.94 -7.39
N LEU A 133 19.69 4.15 -8.11
CA LEU A 133 19.27 4.48 -9.47
C LEU A 133 18.33 5.70 -9.47
N LEU A 134 17.35 5.72 -8.56
CA LEU A 134 16.47 6.84 -8.37
C LEU A 134 17.21 8.10 -7.96
N LEU A 135 18.15 7.96 -7.06
CA LEU A 135 18.84 9.11 -6.55
C LEU A 135 19.75 9.76 -7.61
N ASP A 136 20.46 8.93 -8.37
CA ASP A 136 21.29 9.35 -9.48
C ASP A 136 20.44 9.96 -10.56
N GLU A 137 19.27 9.39 -10.82
CA GLU A 137 18.37 10.08 -11.72
C GLU A 137 18.06 11.50 -11.23
N ALA A 138 17.79 11.67 -9.92
CA ALA A 138 17.50 13.00 -9.35
C ALA A 138 18.67 13.98 -9.63
N ARG A 139 19.91 13.52 -9.36
CA ARG A 139 21.13 14.28 -9.66
C ARG A 139 21.16 14.77 -11.11
N SER A 140 20.97 13.85 -12.04
CA SER A 140 20.99 14.12 -13.49
C SER A 140 20.00 15.15 -13.90
N ARG A 141 18.99 15.44 -13.07
CA ARG A 141 18.02 16.43 -13.49
C ARG A 141 18.35 17.79 -12.88
N GLY A 142 19.47 17.82 -12.17
CA GLY A 142 19.97 19.08 -11.58
C GLY A 142 19.46 19.35 -10.17
N ILE A 143 18.75 18.36 -9.61
CA ILE A 143 18.37 18.34 -8.19
C ILE A 143 19.63 18.22 -7.40
N THR A 144 19.74 19.05 -6.36
CA THR A 144 20.90 19.02 -5.48
C THR A 144 20.83 17.86 -4.51
N VAL A 145 21.87 17.04 -4.45
CA VAL A 145 21.85 15.88 -3.59
C VAL A 145 23.11 15.87 -2.74
N HIS A 146 22.97 15.80 -1.42
CA HIS A 146 24.10 15.64 -0.53
C HIS A 146 24.03 14.28 0.18
N GLU A 147 24.87 13.34 -0.25
CA GLU A 147 25.04 12.09 0.43
C GLU A 147 25.94 12.33 1.63
N GLU A 148 25.95 11.37 2.55
CA GLU A 148 26.74 11.47 3.78
C GLU A 148 26.53 12.81 4.48
N THR A 149 25.28 13.28 4.55
CA THR A 149 24.95 14.57 5.13
C THR A 149 23.66 14.38 5.94
N PRO A 150 23.77 13.85 7.17
CA PRO A 150 22.60 13.62 7.97
C PRO A 150 21.95 14.94 8.41
N VAL A 151 20.62 14.95 8.47
CA VAL A 151 19.89 16.10 9.02
C VAL A 151 19.71 15.89 10.52
N THR A 152 20.33 16.76 11.27
CA THR A 152 20.60 16.59 12.67
C THR A 152 19.54 17.30 13.51
N ASP A 153 18.83 18.24 12.91
CA ASP A 153 17.78 18.96 13.65
C ASP A 153 16.88 19.65 12.64
N VAL A 154 15.61 19.81 12.99
CA VAL A 154 14.59 20.34 12.09
C VAL A 154 13.78 21.29 12.95
N ASP A 155 13.84 22.58 12.61
CA ASP A 155 13.14 23.55 13.48
C ASP A 155 12.02 24.16 12.70
N LEU A 156 10.84 24.16 13.31
CA LEU A 156 9.62 24.53 12.65
C LEU A 156 8.96 25.65 13.43
N SER A 157 9.60 26.06 14.52
CA SER A 157 9.00 27.05 15.41
C SER A 157 8.88 28.42 14.81
N ASP A 158 9.64 28.71 13.76
CA ASP A 158 9.43 29.95 13.05
C ASP A 158 8.39 29.65 11.99
N PRO A 159 7.21 30.26 12.13
CA PRO A 159 6.08 29.92 11.26
C PRO A 159 6.29 30.27 9.78
N ASP A 160 7.25 31.17 9.47
CA ASP A 160 7.54 31.58 8.08
C ASP A 160 8.53 30.72 7.32
N ARG A 161 9.16 29.77 7.98
CA ARG A 161 10.21 29.04 7.30
C ARG A 161 10.45 27.73 7.98
N VAL A 162 11.28 26.90 7.37
CA VAL A 162 11.81 25.73 8.06
C VAL A 162 13.31 25.93 8.15
N VAL A 163 13.92 25.65 9.30
CA VAL A 163 15.38 25.62 9.40
C VAL A 163 15.96 24.29 9.79
N LEU A 164 16.80 23.70 8.94
CA LEU A 164 17.42 22.41 9.24
C LEU A 164 18.85 22.56 9.72
N THR A 165 19.25 21.74 10.67
CA THR A 165 20.66 21.63 10.95
C THR A 165 21.17 20.35 10.34
N VAL A 166 22.30 20.46 9.67
CA VAL A 166 22.91 19.40 8.82
C VAL A 166 24.40 19.22 9.20
N ARG A 167 24.89 17.97 9.23
CA ARG A 167 26.31 17.72 9.50
C ARG A 167 27.07 17.54 8.20
N ARG A 168 27.81 18.60 7.82
CA ARG A 168 28.59 18.69 6.58
C ARG A 168 30.06 18.71 6.99
N GLY A 169 30.77 17.64 6.64
CA GLY A 169 32.08 17.39 7.22
C GLY A 169 31.89 16.95 8.66
N GLY A 170 32.48 17.71 9.60
CA GLY A 170 32.24 17.53 11.04
C GLY A 170 31.58 18.77 11.62
N GLU A 171 31.28 19.72 10.74
CA GLU A 171 30.63 20.97 11.10
C GLU A 171 29.10 20.84 11.00
N SER A 172 28.40 21.34 12.01
CA SER A 172 27.00 21.67 11.85
C SER A 172 26.84 22.84 10.87
N VAL A 173 26.04 22.66 9.83
CA VAL A 173 25.64 23.74 8.98
C VAL A 173 24.11 23.87 8.98
N THR A 174 23.65 25.10 8.80
CA THR A 174 22.28 25.45 8.97
C THR A 174 21.69 25.83 7.62
N VAL A 175 20.49 25.37 7.29
CA VAL A 175 19.88 25.71 6.00
C VAL A 175 18.36 26.02 6.11
N GLU A 176 17.85 27.06 5.42
CA GLU A 176 16.44 27.39 5.48
C GLU A 176 15.73 27.01 4.20
N SER A 177 14.43 26.76 4.30
CA SER A 177 13.61 26.46 3.13
C SER A 177 12.16 26.80 3.41
N ASP A 178 11.33 26.86 2.35
CA ASP A 178 9.94 27.11 2.47
C ASP A 178 9.16 25.88 3.04
N PHE A 179 9.54 24.70 2.55
CA PHE A 179 8.92 23.45 3.03
C PHE A 179 9.96 22.43 3.34
N VAL A 180 9.58 21.46 4.18
CA VAL A 180 10.39 20.29 4.39
C VAL A 180 9.59 19.03 4.22
N ILE A 181 10.17 18.01 3.58
CA ILE A 181 9.56 16.70 3.55
C ILE A 181 10.44 15.77 4.39
N ASP A 182 9.85 15.14 5.41
CA ASP A 182 10.60 14.06 6.10
C ASP A 182 10.36 12.73 5.36
N ALA A 183 11.39 12.25 4.67
CA ALA A 183 11.32 10.97 4.01
C ALA A 183 12.46 10.14 4.59
N GLY A 184 12.72 10.38 5.87
CA GLY A 184 13.83 9.77 6.53
C GLY A 184 13.59 8.34 7.02
N GLY A 185 12.48 7.72 6.59
CA GLY A 185 12.26 6.32 7.03
C GLY A 185 11.85 6.20 8.48
N SER A 186 11.81 4.99 9.01
CA SER A 186 11.40 4.83 10.44
C SER A 186 12.17 5.73 11.40
N GLY A 187 13.44 6.00 11.10
CA GLY A 187 14.22 6.91 11.93
C GLY A 187 14.17 8.38 11.53
N GLY A 188 13.17 8.78 10.73
CA GLY A 188 13.03 10.19 10.35
C GLY A 188 12.86 11.09 11.59
N PRO A 189 13.41 12.29 11.55
CA PRO A 189 13.45 13.10 12.81
C PRO A 189 12.13 13.79 13.18
N ILE A 190 11.25 14.06 12.23
CA ILE A 190 10.08 14.86 12.55
C ILE A 190 9.06 14.15 13.42
N SER A 191 8.68 12.92 13.06
CA SER A 191 7.64 12.26 13.90
C SER A 191 8.16 12.07 15.32
N ARG A 192 9.47 11.90 15.45
CA ARG A 192 10.05 11.68 16.75
C ARG A 192 10.07 12.99 17.53
N LYS A 193 10.62 14.02 16.89
CA LYS A 193 10.60 15.33 17.45
C LYS A 193 9.19 15.72 17.98
N LEU A 194 8.16 15.53 17.17
CA LEU A 194 6.81 15.94 17.56
C LEU A 194 6.13 14.94 18.51
N GLY A 195 6.67 13.73 18.62
CA GLY A 195 6.02 12.72 19.45
C GLY A 195 4.62 12.37 18.98
N VAL A 196 4.39 12.33 17.68
CA VAL A 196 3.07 12.03 17.19
C VAL A 196 2.96 10.59 16.62
N ARG A 197 4.06 9.81 16.66
CA ARG A 197 4.00 8.41 16.25
C ARG A 197 3.14 7.52 17.20
N GLN A 198 2.22 6.75 16.61
CA GLN A 198 1.29 5.88 17.37
C GLN A 198 1.57 4.44 16.99
N TYR A 199 2.40 3.76 17.77
CA TYR A 199 2.68 2.36 17.56
C TYR A 199 1.40 1.55 17.66
N ASP A 200 1.29 0.53 16.86
CA ASP A 200 0.12 -0.34 16.97
C ASP A 200 0.22 -1.09 18.30
N GLU A 201 -0.90 -1.22 18.99
CA GLU A 201 -0.96 -1.97 20.20
C GLU A 201 -0.50 -3.41 20.04
N PHE A 202 -0.81 -4.06 18.90
CA PHE A 202 -0.58 -5.50 18.75
C PHE A 202 0.30 -5.97 17.61
N TYR A 203 0.39 -5.18 16.54
CA TYR A 203 1.14 -5.62 15.37
C TYR A 203 2.63 -5.25 15.49
N ARG A 204 3.31 -6.00 16.33
CA ARG A 204 4.70 -5.66 16.65
C ARG A 204 5.57 -6.77 16.16
N ASN A 205 5.82 -6.73 14.86
CA ASN A 205 6.52 -7.71 14.11
C ASN A 205 8.02 -7.46 14.21
N PHE A 206 8.76 -8.56 14.15
CA PHE A 206 10.22 -8.53 14.36
C PHE A 206 10.71 -9.47 13.25
N ALA A 207 11.68 -9.04 12.44
CA ALA A 207 12.11 -9.85 11.29
C ALA A 207 13.56 -10.28 11.33
N VAL A 208 13.81 -11.46 10.74
CA VAL A 208 15.10 -12.13 10.76
C VAL A 208 15.27 -12.83 9.42
N TRP A 209 16.29 -12.45 8.67
CA TRP A 209 16.36 -12.86 7.27
C TRP A 209 17.74 -13.02 6.75
N SER A 210 17.84 -13.71 5.62
CA SER A 210 19.12 -13.97 4.97
C SER A 210 18.87 -14.31 3.50
N TYR A 211 19.92 -14.71 2.77
CA TYR A 211 19.82 -15.02 1.35
C TYR A 211 20.31 -16.43 1.05
N PHE A 212 19.75 -17.03 0.01
CA PHE A 212 20.09 -18.36 -0.42
C PHE A 212 20.36 -18.38 -1.92
N LYS A 213 21.30 -19.24 -2.33
CA LYS A 213 21.52 -19.56 -3.74
C LYS A 213 20.58 -20.69 -4.11
N LEU A 214 19.63 -20.37 -4.98
CA LEU A 214 18.55 -21.28 -5.33
C LEU A 214 17.93 -20.71 -6.58
N LYS A 215 17.57 -21.57 -7.51
CA LYS A 215 16.97 -21.13 -8.75
C LYS A 215 15.44 -21.30 -8.62
N ASP A 216 14.68 -20.31 -9.09
CA ASP A 216 13.24 -20.42 -9.02
C ASP A 216 12.87 -21.83 -9.51
N PRO A 217 12.20 -22.62 -8.67
CA PRO A 217 11.82 -24.00 -9.02
C PRO A 217 10.60 -24.10 -9.92
N PHE A 218 10.06 -22.96 -10.32
CA PHE A 218 8.89 -22.97 -11.17
C PHE A 218 9.09 -22.30 -12.54
N GLU A 219 8.57 -22.94 -13.56
CA GLU A 219 8.67 -22.44 -14.93
C GLU A 219 7.41 -21.75 -15.41
N GLY A 220 6.26 -22.10 -14.84
CA GLY A 220 5.00 -21.67 -15.37
C GLY A 220 4.66 -20.29 -14.91
N ASP A 221 3.37 -20.04 -14.73
CA ASP A 221 2.91 -18.75 -14.24
C ASP A 221 3.50 -18.39 -12.84
N LEU A 222 3.92 -19.40 -12.08
CA LEU A 222 4.50 -19.20 -10.72
C LEU A 222 5.87 -18.49 -10.67
N LYS A 223 6.55 -18.39 -11.80
CA LYS A 223 7.93 -17.93 -11.81
C LYS A 223 8.04 -16.44 -11.41
N GLY A 224 8.93 -16.16 -10.46
CA GLY A 224 9.05 -14.82 -9.95
C GLY A 224 8.05 -14.39 -8.90
N THR A 225 7.16 -15.29 -8.45
CA THR A 225 6.12 -14.91 -7.51
C THR A 225 6.73 -14.74 -6.14
N THR A 226 6.16 -13.84 -5.34
CA THR A 226 6.54 -13.67 -3.92
C THR A 226 5.79 -14.65 -3.02
N TYR A 227 6.51 -15.51 -2.27
CA TYR A 227 5.88 -16.52 -1.39
C TYR A 227 5.77 -16.02 0.03
N SER A 228 4.57 -16.12 0.61
CA SER A 228 4.36 -15.85 2.05
C SER A 228 3.76 -17.10 2.65
N ILE A 229 4.36 -17.60 3.73
CA ILE A 229 4.10 -18.97 4.20
C ILE A 229 4.02 -18.99 5.70
N THR A 230 2.85 -19.37 6.18
CA THR A 230 2.60 -19.39 7.61
C THR A 230 3.23 -20.63 8.27
N PHE A 231 3.70 -20.45 9.50
CA PHE A 231 4.07 -21.56 10.42
C PHE A 231 3.66 -21.12 11.84
N GLU A 232 4.08 -21.91 12.86
CA GLU A 232 3.61 -21.72 14.22
C GLU A 232 3.77 -20.34 14.79
N ASP A 233 4.95 -19.74 14.57
CA ASP A 233 5.34 -18.50 15.22
C ASP A 233 5.28 -17.28 14.27
N GLY A 234 4.58 -17.42 13.15
CA GLY A 234 4.47 -16.29 12.18
C GLY A 234 4.52 -16.72 10.70
N TRP A 235 5.21 -15.95 9.84
CA TRP A 235 5.25 -16.30 8.44
C TRP A 235 6.62 -16.12 7.85
N VAL A 236 6.87 -16.83 6.73
CA VAL A 236 8.15 -16.77 6.01
C VAL A 236 7.98 -16.13 4.64
N TRP A 237 8.86 -15.16 4.26
CA TRP A 237 8.90 -14.69 2.85
C TRP A 237 10.00 -15.29 2.01
N MET A 238 9.70 -15.51 0.74
CA MET A 238 10.71 -15.99 -0.21
C MET A 238 10.58 -15.11 -1.45
N ILE A 239 11.58 -14.26 -1.71
CA ILE A 239 11.58 -13.36 -2.87
C ILE A 239 12.78 -13.64 -3.81
N PRO A 240 12.48 -13.94 -5.10
CA PRO A 240 13.60 -14.07 -6.03
C PRO A 240 14.10 -12.69 -6.46
N ILE A 241 15.26 -12.28 -6.04
CA ILE A 241 15.80 -11.03 -6.47
C ILE A 241 16.84 -11.19 -7.59
N LYS A 242 17.16 -12.43 -7.93
CA LYS A 242 17.95 -12.71 -9.14
C LYS A 242 17.52 -14.03 -9.74
N ASP A 243 18.24 -14.45 -10.79
CA ASP A 243 18.08 -15.77 -11.39
C ASP A 243 18.19 -16.89 -10.33
N ASP A 244 19.23 -16.80 -9.50
CA ASP A 244 19.49 -17.85 -8.53
C ASP A 244 19.59 -17.31 -7.07
N LEU A 245 18.96 -16.18 -6.81
CA LEU A 245 19.09 -15.53 -5.52
C LEU A 245 17.75 -15.27 -4.89
N TYR A 246 17.56 -15.81 -3.69
CA TYR A 246 16.31 -15.64 -2.94
C TYR A 246 16.54 -14.95 -1.62
N SER A 247 15.74 -13.92 -1.37
CA SER A 247 15.66 -13.31 -0.04
C SER A 247 14.66 -14.17 0.75
N VAL A 248 15.08 -14.65 1.91
CA VAL A 248 14.24 -15.56 2.76
C VAL A 248 14.15 -15.01 4.19
N GLY A 249 12.95 -14.58 4.59
CA GLY A 249 12.81 -13.85 5.87
C GLY A 249 11.77 -14.49 6.78
N LEU A 250 11.99 -14.38 8.09
CA LEU A 250 10.99 -14.78 9.07
C LEU A 250 10.34 -13.52 9.64
N VAL A 251 9.04 -13.52 9.73
CA VAL A 251 8.34 -12.47 10.47
C VAL A 251 7.69 -13.13 11.70
N VAL A 252 8.14 -12.71 12.89
CA VAL A 252 7.75 -13.33 14.15
C VAL A 252 7.35 -12.21 15.09
N ASP A 253 6.93 -12.57 16.31
CA ASP A 253 6.40 -11.55 17.24
C ASP A 253 7.57 -10.94 17.98
N ARG A 254 7.40 -9.73 18.51
CA ARG A 254 8.55 -9.08 19.12
C ARG A 254 8.97 -9.81 20.39
N SER A 255 8.07 -10.66 20.92
CA SER A 255 8.39 -11.51 22.10
C SER A 255 9.52 -12.47 21.84
N LYS A 256 9.94 -12.63 20.58
CA LYS A 256 11.08 -13.50 20.22
C LYS A 256 12.39 -12.78 20.33
N SER A 257 12.32 -11.50 20.69
CA SER A 257 13.55 -10.64 20.78
C SER A 257 14.51 -11.26 21.75
N ALA A 258 13.99 -11.66 22.89
CA ALA A 258 14.79 -12.21 23.98
C ALA A 258 15.56 -13.44 23.52
N GLU A 259 14.92 -14.32 22.76
CA GLU A 259 15.58 -15.55 22.28
C GLU A 259 16.73 -15.23 21.38
N VAL A 260 16.50 -14.39 20.39
CA VAL A 260 17.59 -13.94 19.53
C VAL A 260 18.72 -13.29 20.32
N ARG A 261 18.39 -12.42 21.26
CA ARG A 261 19.37 -11.75 22.11
C ARG A 261 20.23 -12.82 22.75
N GLU A 262 19.55 -13.78 23.36
CA GLU A 262 20.18 -14.80 24.15
C GLU A 262 20.94 -15.80 23.27
N GLN A 263 20.30 -16.32 22.23
CA GLN A 263 20.89 -17.47 21.51
C GLN A 263 21.61 -17.10 20.21
N GLY A 264 21.58 -15.81 19.83
CA GLY A 264 22.19 -15.33 18.57
C GLY A 264 21.29 -15.51 17.34
N ALA A 265 21.31 -14.52 16.46
CA ALA A 265 20.42 -14.49 15.27
C ALA A 265 20.59 -15.72 14.37
N ASP A 266 21.82 -16.22 14.27
CA ASP A 266 22.14 -17.35 13.34
C ASP A 266 21.45 -18.61 13.76
N ALA A 267 21.55 -18.93 15.06
CA ALA A 267 20.90 -20.10 15.60
C ALA A 267 19.38 -19.93 15.57
N PHE A 268 18.88 -18.74 15.97
CA PHE A 268 17.44 -18.50 15.88
C PHE A 268 16.89 -18.66 14.45
N TYR A 269 17.65 -18.21 13.48
CA TYR A 269 17.20 -18.19 12.11
C TYR A 269 17.03 -19.59 11.54
N SER A 270 18.07 -20.41 11.66
CA SER A 270 18.04 -21.80 11.16
C SER A 270 17.02 -22.67 11.90
N SER A 271 16.97 -22.61 13.23
CA SER A 271 16.02 -23.50 13.95
C SER A 271 14.56 -23.06 13.74
N THR A 272 14.35 -21.77 13.60
CA THR A 272 13.02 -21.30 13.29
C THR A 272 12.63 -21.66 11.85
N LEU A 273 13.53 -21.39 10.91
CA LEU A 273 13.17 -21.61 9.50
C LEU A 273 12.86 -23.10 9.26
N ALA A 274 13.51 -23.97 10.05
CA ALA A 274 13.34 -25.42 9.92
C ALA A 274 11.93 -25.84 10.39
N LYS A 275 11.26 -24.98 11.13
CA LYS A 275 9.88 -25.30 11.56
C LYS A 275 8.85 -25.14 10.47
N CYS A 276 9.23 -24.54 9.32
CA CYS A 276 8.28 -24.21 8.25
C CYS A 276 8.49 -25.19 7.11
N ALA A 277 7.74 -26.29 7.15
CA ALA A 277 7.97 -27.40 6.24
C ALA A 277 7.88 -26.98 4.75
N LYS A 278 6.79 -26.34 4.33
CA LYS A 278 6.65 -25.96 2.90
C LYS A 278 7.86 -25.10 2.46
N ALA A 279 8.38 -24.26 3.38
CA ALA A 279 9.56 -23.44 3.04
C ALA A 279 10.84 -24.28 2.89
N MET A 280 11.09 -25.19 3.81
CA MET A 280 12.23 -26.09 3.69
C MET A 280 12.03 -26.96 2.45
N ASP A 281 10.79 -27.37 2.21
CA ASP A 281 10.43 -28.03 0.99
C ASP A 281 11.04 -27.26 -0.21
N ILE A 282 10.68 -25.98 -0.43
CA ILE A 282 11.18 -25.29 -1.63
C ILE A 282 12.67 -24.92 -1.60
N LEU A 283 13.20 -24.77 -0.38
CA LEU A 283 14.59 -24.46 -0.20
C LEU A 283 15.46 -25.67 -0.58
N GLY A 284 15.30 -26.77 0.15
CA GLY A 284 15.94 -28.03 -0.21
C GLY A 284 17.45 -27.99 -0.41
N GLY A 285 18.16 -27.80 0.70
CA GLY A 285 19.62 -27.93 0.69
C GLY A 285 20.37 -26.78 0.05
N ALA A 286 19.63 -25.83 -0.55
CA ALA A 286 20.20 -24.60 -1.11
C ALA A 286 21.19 -24.03 -0.12
N GLU A 287 22.15 -23.26 -0.62
CA GLU A 287 23.21 -22.72 0.19
C GLU A 287 22.90 -21.30 0.70
N GLN A 288 23.03 -21.09 2.01
CA GLN A 288 22.86 -19.79 2.61
C GLN A 288 24.06 -18.96 2.22
N VAL A 289 23.84 -17.78 1.62
CA VAL A 289 24.91 -17.09 0.92
C VAL A 289 25.20 -15.70 1.50
N ASP A 290 24.67 -15.44 2.69
CA ASP A 290 24.86 -14.14 3.35
C ASP A 290 24.69 -14.30 4.86
N GLU A 291 25.09 -13.29 5.61
CA GLU A 291 24.78 -13.21 7.03
C GLU A 291 23.24 -13.06 7.26
N VAL A 292 22.83 -13.19 8.51
CA VAL A 292 21.44 -12.93 8.84
C VAL A 292 21.35 -11.64 9.58
N ARG A 293 20.30 -10.87 9.25
CA ARG A 293 20.08 -9.55 9.83
C ARG A 293 18.77 -9.60 10.58
N ILE A 294 18.54 -8.66 11.48
CA ILE A 294 17.29 -8.56 12.19
C ILE A 294 16.87 -7.12 12.25
N VAL A 295 15.57 -6.93 12.48
CA VAL A 295 15.06 -5.62 12.78
C VAL A 295 13.67 -5.68 13.37
N GLN A 296 13.35 -4.76 14.27
CA GLN A 296 11.98 -4.52 14.69
C GLN A 296 11.19 -3.75 13.62
N ASP A 297 10.11 -4.35 13.12
CA ASP A 297 9.27 -3.70 12.11
C ASP A 297 7.86 -3.65 12.65
N TRP A 298 7.62 -2.86 13.67
CA TRP A 298 6.22 -2.68 14.16
C TRP A 298 5.42 -1.76 13.29
N SER A 299 4.14 -2.06 13.11
CA SER A 299 3.21 -1.13 12.53
C SER A 299 3.01 0.09 13.44
N TYR A 300 2.79 1.27 12.86
CA TYR A 300 2.42 2.52 13.56
C TYR A 300 1.91 3.50 12.51
N ASP A 301 1.05 4.42 12.90
CA ASP A 301 0.84 5.61 12.05
C ASP A 301 1.22 6.85 12.83
N THR A 302 0.61 8.00 12.50
CA THR A 302 0.98 9.30 13.14
C THR A 302 -0.33 9.99 13.44
N GLU A 303 -0.32 10.83 14.46
CA GLU A 303 -1.43 11.72 14.69
C GLU A 303 -1.51 12.73 13.55
N VAL A 304 -0.34 13.11 13.00
CA VAL A 304 -0.22 14.20 12.00
C VAL A 304 0.64 13.75 10.81
N PHE A 305 0.04 13.63 9.62
CA PHE A 305 0.84 13.22 8.45
C PHE A 305 1.48 14.48 7.81
N SER A 306 0.91 15.64 8.05
CA SER A 306 1.52 16.89 7.57
C SER A 306 0.73 18.06 8.22
N ALA A 307 1.38 19.20 8.34
CA ALA A 307 0.78 20.42 8.84
C ALA A 307 1.74 21.56 8.47
N ASP A 308 1.25 22.78 8.43
CA ASP A 308 2.12 23.95 8.30
C ASP A 308 3.10 23.83 7.12
N ARG A 309 4.40 23.77 7.42
CA ARG A 309 5.36 23.66 6.33
C ARG A 309 6.06 22.30 6.17
N PHE A 310 5.53 21.25 6.80
CA PHE A 310 6.13 19.91 6.66
C PHE A 310 5.12 18.84 6.18
N PHE A 311 5.65 17.83 5.51
CA PHE A 311 4.96 16.63 5.14
C PHE A 311 5.85 15.45 5.55
N LEU A 312 5.24 14.38 6.10
CA LEU A 312 5.92 13.11 6.29
C LEU A 312 5.52 12.16 5.16
N CYS A 313 6.51 11.46 4.56
CA CYS A 313 6.24 10.51 3.48
C CYS A 313 6.88 9.13 3.79
N GLY A 314 6.24 8.03 3.37
CA GLY A 314 6.80 6.71 3.55
C GLY A 314 6.90 6.32 5.03
N ASP A 315 7.92 5.53 5.39
CA ASP A 315 8.00 5.01 6.76
C ASP A 315 8.09 6.14 7.78
N ALA A 316 8.51 7.34 7.34
CA ALA A 316 8.56 8.48 8.25
C ALA A 316 7.17 8.81 8.77
N ALA A 317 6.15 8.50 7.96
CA ALA A 317 4.73 8.73 8.34
C ALA A 317 4.12 7.51 9.01
N CYS A 318 4.16 6.36 8.32
CA CYS A 318 3.54 5.18 8.86
C CYS A 318 4.19 3.98 8.28
N PHE A 319 4.03 2.83 8.95
CA PHE A 319 4.66 1.56 8.54
C PHE A 319 3.60 0.44 8.59
N THR A 320 3.55 -0.33 7.51
CA THR A 320 2.51 -1.31 7.32
C THR A 320 3.24 -2.64 7.32
N ASP A 321 2.69 -3.64 8.03
CA ASP A 321 3.12 -5.04 7.98
C ASP A 321 3.33 -5.44 6.55
N PRO A 322 4.54 -5.86 6.21
CA PRO A 322 4.98 -6.07 4.84
C PRO A 322 4.40 -7.32 4.12
N LEU A 323 3.39 -7.95 4.72
CA LEU A 323 2.76 -9.14 4.14
C LEU A 323 2.36 -8.95 2.67
N PHE A 324 1.76 -7.80 2.37
CA PHE A 324 1.38 -7.46 0.99
C PHE A 324 2.35 -6.51 0.30
N SER A 325 3.57 -6.40 0.79
CA SER A 325 4.61 -5.63 0.06
C SER A 325 4.15 -4.22 -0.36
N GLN A 326 3.50 -3.49 0.53
CA GLN A 326 2.95 -2.20 0.26
C GLN A 326 3.94 -1.04 0.53
N GLY A 327 5.07 -1.36 1.14
CA GLY A 327 5.86 -0.29 1.80
C GLY A 327 6.39 0.73 0.79
N VAL A 328 7.12 0.26 -0.23
CA VAL A 328 7.68 1.12 -1.25
C VAL A 328 6.60 1.81 -2.06
N HIS A 329 5.52 1.10 -2.29
CA HIS A 329 4.37 1.71 -2.94
C HIS A 329 3.81 2.91 -2.16
N LEU A 330 3.60 2.73 -0.88
CA LEU A 330 3.07 3.87 -0.06
C LEU A 330 4.11 4.97 0.07
N ALA A 331 5.40 4.62 0.11
CA ALA A 331 6.43 5.68 0.10
C ALA A 331 6.32 6.51 -1.22
N SER A 332 6.10 5.83 -2.34
CA SER A 332 6.08 6.47 -3.69
C SER A 332 4.84 7.29 -3.84
N GLN A 333 3.72 6.73 -3.47
CA GLN A 333 2.45 7.40 -3.62
C GLN A 333 2.35 8.61 -2.74
N SER A 334 2.81 8.51 -1.49
CA SER A 334 2.70 9.65 -0.59
C SER A 334 3.69 10.71 -1.04
N ALA A 335 4.82 10.29 -1.60
CA ALA A 335 5.85 11.23 -2.05
C ALA A 335 5.29 12.06 -3.18
N VAL A 336 4.62 11.40 -4.14
CA VAL A 336 3.95 12.10 -5.24
C VAL A 336 2.89 13.01 -4.70
N SER A 337 2.13 12.56 -3.71
CA SER A 337 1.04 13.41 -3.15
C SER A 337 1.57 14.60 -2.40
N ALA A 338 2.66 14.40 -1.69
CA ALA A 338 3.21 15.50 -0.87
C ALA A 338 3.79 16.58 -1.81
N ALA A 339 4.44 16.13 -2.90
CA ALA A 339 4.91 17.02 -3.95
C ALA A 339 3.74 17.86 -4.55
N ALA A 340 2.66 17.21 -4.95
CA ALA A 340 1.55 17.90 -5.55
C ALA A 340 0.95 18.83 -4.53
N ALA A 341 0.91 18.40 -3.27
CA ALA A 341 0.33 19.21 -2.19
C ALA A 341 1.13 20.49 -1.99
N ILE A 342 2.48 20.34 -1.95
CA ILE A 342 3.35 21.52 -1.77
C ILE A 342 3.15 22.50 -2.98
N ASP A 343 3.08 21.94 -4.18
CA ASP A 343 2.83 22.77 -5.37
C ASP A 343 1.52 23.53 -5.29
N ARG A 344 0.46 22.86 -4.89
CA ARG A 344 -0.83 23.52 -4.79
C ARG A 344 -0.85 24.61 -3.77
N ILE A 345 -0.22 24.39 -2.62
CA ILE A 345 -0.25 25.40 -1.57
C ILE A 345 0.60 26.60 -2.01
N THR A 346 1.68 26.34 -2.71
CA THR A 346 2.59 27.38 -3.16
C THR A 346 1.86 28.37 -4.12
N ARG A 347 1.00 27.85 -5.00
CA ARG A 347 0.31 28.63 -6.02
C ARG A 347 -1.03 29.14 -5.52
N HIS A 348 -1.57 28.52 -4.44
CA HIS A 348 -2.87 28.94 -3.89
C HIS A 348 -2.83 28.84 -2.36
N GLY A 349 -2.29 29.86 -1.73
CA GLY A 349 -1.93 29.79 -0.31
C GLY A 349 -3.16 29.83 0.58
N ASP A 350 -4.29 30.30 0.05
CA ASP A 350 -5.56 30.24 0.78
C ASP A 350 -6.10 28.78 0.98
N GLU A 351 -5.57 27.83 0.24
CA GLU A 351 -6.09 26.46 0.25
C GLU A 351 -5.25 25.61 1.23
N LYS A 352 -4.35 26.26 1.97
CA LYS A 352 -3.42 25.56 2.84
C LYS A 352 -4.05 24.49 3.68
N ASP A 353 -5.10 24.85 4.42
CA ASP A 353 -5.75 23.97 5.35
C ASP A 353 -6.42 22.80 4.66
N ALA A 354 -7.13 23.11 3.58
CA ALA A 354 -7.83 22.12 2.82
C ALA A 354 -6.83 21.10 2.23
N VAL A 355 -5.67 21.58 1.80
CA VAL A 355 -4.70 20.67 1.15
C VAL A 355 -4.10 19.74 2.19
N HIS A 356 -3.76 20.27 3.37
CA HIS A 356 -3.22 19.43 4.40
C HIS A 356 -4.29 18.42 4.87
N ALA A 357 -5.53 18.86 5.01
CA ALA A 357 -6.60 17.98 5.41
C ALA A 357 -6.77 16.87 4.38
N TRP A 358 -6.59 17.18 3.09
CA TRP A 358 -6.64 16.16 2.09
C TRP A 358 -5.43 15.16 2.22
N TYR A 359 -4.23 15.69 2.42
CA TYR A 359 -3.06 14.79 2.55
C TYR A 359 -3.24 13.85 3.78
N ASN A 360 -3.74 14.41 4.91
CA ASN A 360 -3.91 13.62 6.14
C ASN A 360 -5.00 12.54 6.00
N ARG A 361 -6.15 12.95 5.47
CA ARG A 361 -7.26 12.01 5.25
C ARG A 361 -6.85 10.87 4.33
N THR A 362 -6.20 11.21 3.24
CA THR A 362 -5.87 10.24 2.23
C THR A 362 -4.90 9.23 2.77
N TYR A 363 -3.87 9.68 3.47
CA TYR A 363 -2.85 8.73 4.01
C TYR A 363 -3.45 7.87 5.10
N ARG A 364 -4.28 8.48 5.95
CA ARG A 364 -4.87 7.81 7.07
C ARG A 364 -5.76 6.68 6.60
N GLU A 365 -6.58 7.00 5.59
CA GLU A 365 -7.53 6.05 5.07
C GLU A 365 -6.80 4.88 4.41
N ALA A 366 -5.68 5.13 3.70
CA ALA A 366 -4.88 4.02 3.12
C ALA A 366 -4.35 3.10 4.22
N TYR A 367 -3.85 3.71 5.30
CA TYR A 367 -3.21 2.99 6.41
C TYR A 367 -4.26 2.11 7.13
N GLU A 368 -5.37 2.74 7.51
CA GLU A 368 -6.40 2.11 8.29
C GLU A 368 -7.06 0.95 7.53
N GLN A 369 -7.14 1.04 6.23
CA GLN A 369 -7.86 0.04 5.53
C GLN A 369 -6.92 -1.14 5.15
N TYR A 370 -5.63 -0.87 4.98
CA TYR A 370 -4.71 -1.95 4.86
C TYR A 370 -4.70 -2.75 6.19
N HIS A 371 -4.83 -2.04 7.30
CA HIS A 371 -4.79 -2.64 8.66
C HIS A 371 -6.02 -3.53 8.86
N GLN A 372 -7.20 -3.02 8.56
CA GLN A 372 -8.46 -3.79 8.66
C GLN A 372 -8.40 -5.07 7.83
N PHE A 373 -7.79 -4.97 6.67
CA PHE A 373 -7.72 -6.04 5.73
C PHE A 373 -6.80 -7.09 6.28
N LEU A 374 -5.61 -6.65 6.67
CA LEU A 374 -4.66 -7.46 7.35
C LEU A 374 -5.24 -8.30 8.50
N ALA A 375 -6.12 -7.69 9.29
CA ALA A 375 -6.70 -8.35 10.43
C ALA A 375 -7.49 -9.58 9.95
N SER A 376 -8.23 -9.43 8.86
CA SER A 376 -8.91 -10.56 8.20
C SER A 376 -7.96 -11.68 7.83
N PHE A 377 -6.92 -11.38 7.06
CA PHE A 377 -5.96 -12.40 6.70
C PHE A 377 -5.34 -13.12 7.88
N TYR A 378 -4.87 -12.37 8.88
CA TYR A 378 -4.31 -13.05 10.05
C TYR A 378 -5.37 -13.97 10.73
N THR A 379 -6.60 -13.47 10.90
CA THR A 379 -7.66 -14.30 11.47
C THR A 379 -7.90 -15.63 10.71
N PHE A 380 -7.83 -15.60 9.38
CA PHE A 380 -8.03 -16.83 8.59
C PHE A 380 -6.96 -17.84 8.84
N ALA A 381 -5.72 -17.37 8.92
CA ALA A 381 -4.63 -18.32 9.22
C ALA A 381 -4.70 -18.85 10.66
N SER A 382 -5.29 -18.06 11.56
CA SER A 382 -5.30 -18.41 12.97
C SER A 382 -6.20 -19.66 13.25
N PHE A 383 -7.12 -19.95 12.33
CA PHE A 383 -7.97 -21.13 12.45
C PHE A 383 -7.20 -22.43 12.29
N THR A 384 -6.09 -22.39 11.56
CA THR A 384 -5.32 -23.60 11.38
C THR A 384 -3.92 -23.51 11.92
N GLU A 385 -3.55 -22.35 12.48
CA GLU A 385 -2.23 -22.28 13.13
C GLU A 385 -2.43 -22.34 14.66
N PRO A 386 -1.40 -22.75 15.40
CA PRO A 386 -1.55 -22.96 16.85
C PRO A 386 -1.81 -21.64 17.59
N ASP A 387 -2.18 -21.75 18.86
CA ASP A 387 -2.47 -20.56 19.61
C ASP A 387 -1.19 -20.04 20.25
N SER A 388 -0.24 -19.61 19.39
CA SER A 388 0.98 -18.93 19.81
C SER A 388 0.73 -17.44 20.03
N GLU A 389 1.61 -16.76 20.74
CA GLU A 389 1.52 -15.29 20.93
C GLU A 389 1.46 -14.52 19.58
N PHE A 390 2.16 -15.00 18.57
CA PHE A 390 2.06 -14.38 17.26
C PHE A 390 0.61 -14.29 16.77
N TRP A 391 -0.05 -15.45 16.66
CA TRP A 391 -1.39 -15.50 16.10
C TRP A 391 -2.44 -14.84 17.01
N ARG A 392 -2.24 -14.98 18.30
CA ARG A 392 -3.15 -14.48 19.32
C ARG A 392 -3.14 -12.94 19.35
N LYS A 393 -1.97 -12.35 19.18
CA LYS A 393 -1.92 -10.90 19.16
C LYS A 393 -2.61 -10.37 17.91
N ARG A 394 -2.58 -11.11 16.82
CA ARG A 394 -2.96 -10.53 15.53
C ARG A 394 -4.36 -10.88 15.04
N ARG A 395 -4.92 -11.98 15.56
CA ARG A 395 -6.22 -12.44 15.08
C ARG A 395 -7.25 -11.57 15.70
N ILE A 396 -8.41 -11.44 15.05
CA ILE A 396 -9.43 -10.57 15.57
C ILE A 396 -9.91 -10.99 16.99
N THR A 397 -10.10 -10.00 17.84
CA THR A 397 -10.52 -10.16 19.23
C THR A 397 -12.04 -10.05 19.27
N GLU A 398 -12.71 -11.04 19.81
CA GLU A 398 -14.21 -11.07 19.82
C GLU A 398 -14.69 -12.26 20.69
N SER A 399 -16.00 -12.27 21.04
CA SER A 399 -16.59 -13.31 21.93
C SER A 399 -16.34 -14.76 21.49
N ASP A 400 -16.24 -15.69 22.45
CA ASP A 400 -16.09 -17.15 22.14
C ASP A 400 -17.06 -17.49 20.99
N ASP A 401 -18.29 -16.95 21.09
CA ASP A 401 -19.40 -17.29 20.20
C ASP A 401 -19.29 -16.66 18.79
N ASP A 402 -18.86 -15.38 18.70
CA ASP A 402 -18.54 -14.72 17.41
C ASP A 402 -17.44 -15.48 16.64
N ARG A 403 -16.53 -16.07 17.42
CA ARG A 403 -15.36 -16.77 16.89
C ARG A 403 -15.65 -18.17 16.38
N LEU A 404 -16.47 -18.93 17.10
CA LEU A 404 -16.99 -20.22 16.61
C LEU A 404 -17.91 -20.04 15.39
N THR A 405 -18.87 -19.11 15.47
CA THR A 405 -19.59 -18.64 14.26
C THR A 405 -18.57 -18.37 13.15
N ARG A 406 -17.51 -17.60 13.46
CA ARG A 406 -16.47 -17.31 12.41
C ARG A 406 -15.79 -18.52 11.70
N LYS A 407 -15.70 -19.69 12.36
CA LYS A 407 -15.65 -20.97 11.56
C LYS A 407 -17.03 -21.28 10.87
N LYS A 408 -17.54 -20.21 10.23
CA LYS A 408 -18.21 -20.18 8.95
C LYS A 408 -17.08 -20.26 7.94
N TRP A 409 -15.86 -20.14 8.43
CA TRP A 409 -14.70 -20.17 7.54
C TRP A 409 -14.44 -21.60 7.04
N PHE A 410 -14.67 -22.59 7.92
CA PHE A 410 -14.45 -24.01 7.67
C PHE A 410 -14.95 -24.49 6.31
N GLU A 411 -15.75 -23.65 5.65
CA GLU A 411 -16.46 -24.06 4.42
C GLU A 411 -16.57 -23.00 3.30
N SER A 412 -15.43 -22.41 2.96
CA SER A 412 -15.32 -21.58 1.77
C SER A 412 -14.87 -22.47 0.57
N PHE A 428 -13.75 -6.07 3.69
CA PHE A 428 -12.39 -6.21 4.36
C PHE A 428 -12.06 -7.67 4.64
N ARG A 429 -13.02 -8.38 5.23
CA ARG A 429 -12.87 -9.78 5.67
C ARG A 429 -13.70 -10.75 4.85
N ASP A 430 -14.74 -10.21 4.24
CA ASP A 430 -15.40 -10.85 3.13
C ASP A 430 -14.62 -10.36 1.91
N ARG A 431 -14.05 -9.17 2.00
CA ARG A 431 -13.19 -8.68 0.97
C ARG A 431 -11.97 -9.60 0.82
N ALA A 432 -11.53 -10.20 1.92
CA ALA A 432 -10.33 -10.99 1.92
C ALA A 432 -10.68 -12.39 1.59
N SER A 433 -11.86 -12.76 2.06
CA SER A 433 -12.42 -14.06 1.77
C SER A 433 -12.58 -14.19 0.24
N THR A 434 -12.91 -13.06 -0.38
CA THR A 434 -13.12 -13.00 -1.78
C THR A 434 -11.83 -13.24 -2.52
N MET A 435 -10.80 -12.47 -2.18
CA MET A 435 -9.50 -12.57 -2.80
C MET A 435 -8.99 -14.00 -2.76
N ILE A 436 -9.07 -14.65 -1.60
CA ILE A 436 -8.54 -15.98 -1.39
C ILE A 436 -9.23 -16.98 -2.28
N ALA A 437 -10.56 -16.93 -2.30
CA ALA A 437 -11.37 -17.79 -3.18
C ALA A 437 -11.02 -17.61 -4.65
N ILE A 438 -11.01 -16.38 -5.14
CA ILE A 438 -10.63 -16.14 -6.52
C ILE A 438 -9.22 -16.71 -6.80
N GLY A 439 -8.27 -16.50 -5.88
CA GLY A 439 -6.94 -16.94 -6.12
C GLY A 439 -6.60 -18.38 -5.79
N ARG A 440 -7.59 -19.13 -5.34
CA ARG A 440 -7.40 -20.51 -4.90
C ARG A 440 -6.92 -21.39 -6.06
N HIS A 441 -5.77 -22.05 -5.88
CA HIS A 441 -5.30 -23.08 -6.83
C HIS A 441 -6.29 -24.25 -6.83
N GLN A 442 -6.36 -24.94 -7.95
CA GLN A 442 -7.38 -25.98 -8.12
C GLN A 442 -6.87 -27.39 -7.81
N ARG A 443 -5.90 -27.45 -6.89
CA ARG A 443 -5.38 -28.69 -6.39
C ARG A 443 -4.91 -28.38 -4.98
N PRO A 444 -4.67 -29.42 -4.15
CA PRO A 444 -4.38 -29.23 -2.71
C PRO A 444 -3.01 -28.66 -2.43
N GLU A 445 -2.08 -28.83 -3.36
CA GLU A 445 -0.66 -28.51 -3.13
C GLU A 445 -0.09 -27.64 -4.26
N LEU A 446 1.08 -27.08 -3.99
CA LEU A 446 1.69 -26.12 -4.87
C LEU A 446 2.48 -26.87 -5.94
N SER A 447 2.25 -26.53 -7.22
CA SER A 447 2.82 -27.22 -8.34
C SER A 447 2.93 -26.34 -9.57
N ASP A 448 3.84 -26.72 -10.47
CA ASP A 448 4.04 -26.02 -11.71
C ASP A 448 2.91 -26.32 -12.69
N ASP A 449 2.00 -27.18 -12.27
CA ASP A 449 0.72 -27.37 -12.97
C ASP A 449 -0.09 -26.09 -13.02
N PHE A 450 0.18 -25.19 -12.07
CA PHE A 450 -0.62 -23.96 -11.91
C PHE A 450 -0.48 -23.02 -13.10
N SER A 451 -1.63 -22.57 -13.61
CA SER A 451 -1.68 -21.47 -14.55
C SER A 451 -2.69 -20.45 -14.04
N GLU A 452 -2.47 -19.19 -14.33
CA GLU A 452 -3.40 -18.14 -13.86
C GLU A 452 -4.77 -18.26 -14.47
N ALA A 453 -4.84 -18.91 -15.62
CA ALA A 453 -6.13 -19.14 -16.26
C ALA A 453 -7.04 -20.09 -15.46
N GLU A 454 -6.45 -20.99 -14.66
CA GLU A 454 -7.27 -21.85 -13.79
C GLU A 454 -8.01 -21.03 -12.72
N LEU A 455 -7.66 -19.75 -12.58
CA LEU A 455 -8.35 -18.86 -11.62
C LEU A 455 -9.55 -18.19 -12.26
N ASN A 456 -9.64 -18.23 -13.60
CA ASN A 456 -10.69 -17.47 -14.30
C ASN A 456 -12.10 -17.85 -13.93
N PRO A 457 -12.36 -19.13 -13.62
CA PRO A 457 -13.76 -19.44 -13.33
C PRO A 457 -14.21 -18.81 -12.02
N ALA A 458 -13.35 -18.88 -10.99
CA ALA A 458 -13.77 -18.30 -9.69
C ALA A 458 -13.90 -16.77 -9.84
N ARG A 459 -13.03 -16.17 -10.63
CA ARG A 459 -13.19 -14.73 -10.91
C ARG A 459 -14.54 -14.45 -11.47
N VAL A 460 -14.88 -15.20 -12.52
CA VAL A 460 -16.03 -14.88 -13.30
C VAL A 460 -17.26 -15.12 -12.46
N ARG A 461 -17.19 -16.16 -11.67
CA ARG A 461 -18.24 -16.54 -10.78
C ARG A 461 -18.51 -15.42 -9.77
N TRP A 462 -17.45 -14.74 -9.33
CA TRP A 462 -17.63 -13.59 -8.47
C TRP A 462 -18.33 -12.44 -9.20
N ILE A 463 -17.89 -12.18 -10.42
CA ILE A 463 -18.55 -11.17 -11.24
C ILE A 463 -20.04 -11.51 -11.47
N SER A 464 -20.34 -12.76 -11.81
CA SER A 464 -21.73 -13.15 -12.03
C SER A 464 -22.54 -12.98 -10.73
N ASP A 465 -21.89 -13.22 -9.58
CA ASP A 465 -22.60 -13.05 -8.32
C ASP A 465 -22.89 -11.55 -8.05
N LEU A 466 -21.90 -10.71 -8.36
CA LEU A 466 -22.04 -9.27 -8.23
C LEU A 466 -23.14 -8.78 -9.16
N THR A 467 -23.11 -9.27 -10.39
CA THR A 467 -24.11 -8.88 -11.41
C THR A 467 -25.51 -9.28 -10.98
N LYS A 468 -25.63 -10.49 -10.48
CA LYS A 468 -26.87 -10.99 -9.93
C LYS A 468 -27.39 -10.15 -8.74
N ARG A 469 -26.50 -9.65 -7.89
CA ARG A 469 -26.95 -8.93 -6.70
C ARG A 469 -27.47 -7.55 -7.09
N LEU A 470 -26.69 -6.85 -7.91
CA LEU A 470 -27.07 -5.53 -8.37
C LEU A 470 -28.44 -5.61 -9.08
N ASN A 471 -28.63 -6.65 -9.89
CA ASN A 471 -29.87 -6.78 -10.69
C ASN A 471 -31.07 -7.02 -9.82
N SER A 472 -30.85 -7.62 -8.64
CA SER A 472 -31.94 -7.94 -7.73
C SER A 472 -32.40 -6.72 -6.95
N ILE A 473 -31.72 -5.59 -7.14
CA ILE A 473 -32.02 -4.40 -6.38
C ILE A 473 -33.12 -3.59 -7.05
N THR A 474 -34.29 -3.68 -6.46
CA THR A 474 -35.47 -3.02 -6.97
C THR A 474 -35.74 -1.73 -6.24
N ARG A 475 -35.07 -1.53 -5.11
CA ARG A 475 -35.21 -0.26 -4.40
C ARG A 475 -33.91 0.24 -3.74
N PHE A 476 -33.48 1.47 -4.04
CA PHE A 476 -32.33 2.07 -3.36
C PHE A 476 -32.79 3.13 -2.38
N LYS A 477 -32.11 3.24 -1.23
CA LYS A 477 -32.24 4.40 -0.32
C LYS A 477 -30.94 5.22 -0.22
N TRP A 478 -31.08 6.51 -0.10
CA TRP A 478 -29.92 7.39 0.07
C TRP A 478 -29.78 7.72 1.55
N THR A 479 -28.55 7.94 2.00
CA THR A 479 -28.26 8.22 3.42
C THR A 479 -28.27 9.74 3.60
N GLY A 480 -29.25 10.22 4.38
CA GLY A 480 -29.56 11.64 4.47
C GLY A 480 -30.67 11.99 3.49
N GLY A 481 -31.07 13.26 3.45
CA GLY A 481 -32.15 13.67 2.53
C GLY A 481 -31.63 14.55 1.39
N LYS A 482 -30.33 14.82 1.43
CA LYS A 482 -29.74 15.65 0.42
C LYS A 482 -28.60 14.94 -0.30
N ALA A 483 -28.52 15.18 -1.60
CA ALA A 483 -27.37 14.78 -2.41
C ALA A 483 -26.65 16.05 -2.84
N VAL A 484 -25.40 16.18 -2.40
CA VAL A 484 -24.59 17.36 -2.73
C VAL A 484 -23.21 17.11 -3.35
N LEU A 485 -22.72 18.13 -4.03
CA LEU A 485 -21.35 18.16 -4.51
C LEU A 485 -20.42 18.76 -3.45
N LYS A 486 -19.31 18.10 -3.21
CA LYS A 486 -18.32 18.55 -2.23
C LYS A 486 -16.95 18.62 -2.90
N GLN A 487 -16.11 19.53 -2.41
CA GLN A 487 -14.77 19.76 -2.97
C GLN A 487 -13.78 18.67 -2.57
N HIS A 488 -12.95 18.27 -3.50
CA HIS A 488 -11.99 17.21 -3.26
C HIS A 488 -10.75 17.45 -4.15
N TYR A 489 -9.63 16.88 -3.78
CA TYR A 489 -8.44 16.94 -4.60
C TYR A 489 -8.13 15.62 -5.25
N ARG A 490 -7.45 15.70 -6.37
CA ARG A 490 -6.98 14.50 -7.03
C ARG A 490 -5.67 14.82 -7.73
N VAL A 491 -4.67 13.95 -7.63
CA VAL A 491 -3.45 14.14 -8.39
C VAL A 491 -3.67 13.73 -9.84
N GLU A 492 -3.49 14.64 -10.79
CA GLU A 492 -3.55 14.30 -12.22
C GLU A 492 -2.40 13.39 -12.60
N PRO A 493 -2.67 12.23 -13.22
CA PRO A 493 -1.56 11.23 -13.35
C PRO A 493 -0.44 11.60 -14.29
N ILE A 494 -0.73 12.36 -15.34
CA ILE A 494 0.31 12.63 -16.34
C ILE A 494 1.29 13.74 -15.90
N GLY A 495 0.77 14.83 -15.40
CA GLY A 495 1.61 15.96 -15.06
C GLY A 495 1.79 16.15 -13.56
N PHE A 496 1.04 15.40 -12.75
CA PHE A 496 1.20 15.37 -11.29
C PHE A 496 0.66 16.60 -10.55
N ARG A 497 -0.14 17.44 -11.19
CA ARG A 497 -0.65 18.62 -10.46
C ARG A 497 -1.78 18.14 -9.57
N LEU A 498 -1.99 18.83 -8.46
CA LEU A 498 -3.13 18.60 -7.65
C LEU A 498 -4.30 19.40 -8.20
N GLU A 499 -5.36 18.72 -8.63
CA GLU A 499 -6.47 19.40 -9.23
C GLU A 499 -7.65 19.33 -8.26
N GLN A 500 -8.48 20.34 -8.33
CA GLN A 500 -9.79 20.32 -7.66
C GLN A 500 -10.84 19.53 -8.44
N ARG A 501 -11.69 18.80 -7.71
CA ARG A 501 -12.75 17.98 -8.29
C ARG A 501 -13.93 18.04 -7.32
N GLU A 502 -15.14 18.00 -7.85
CA GLU A 502 -16.33 17.93 -7.02
C GLU A 502 -16.77 16.49 -7.01
N VAL A 503 -16.92 15.93 -5.81
CA VAL A 503 -17.46 14.59 -5.63
C VAL A 503 -18.85 14.53 -4.96
N LEU A 504 -19.52 13.39 -5.14
CA LEU A 504 -20.80 13.15 -4.50
C LEU A 504 -20.68 12.97 -2.99
N ALA A 505 -21.54 13.66 -2.27
CA ALA A 505 -21.66 13.53 -0.83
C ALA A 505 -23.12 13.70 -0.37
N ASN A 506 -23.39 13.36 0.89
CA ASN A 506 -24.63 13.80 1.51
C ASN A 506 -24.43 15.10 2.34
N GLY A 507 -25.49 15.59 2.98
CA GLY A 507 -25.35 16.83 3.75
C GLY A 507 -24.37 16.69 4.92
N GLU A 508 -24.20 15.45 5.35
CA GLU A 508 -23.47 15.13 6.55
C GLU A 508 -22.08 14.61 6.13
N GLY A 509 -21.60 15.19 5.03
CA GLY A 509 -20.21 15.06 4.66
C GLY A 509 -19.74 13.72 4.15
N LEU A 510 -20.48 12.61 4.41
CA LEU A 510 -20.15 11.28 3.80
C LEU A 510 -19.99 11.43 2.31
N ASP A 511 -18.96 10.79 1.77
CA ASP A 511 -18.71 10.95 0.35
C ASP A 511 -18.19 9.70 -0.32
N MET A 512 -18.06 9.82 -1.62
CA MET A 512 -17.44 8.82 -2.48
C MET A 512 -16.55 9.65 -3.37
N ALA A 513 -15.28 9.66 -3.04
CA ALA A 513 -14.31 10.58 -3.65
C ALA A 513 -13.66 10.06 -4.93
N GLN A 514 -13.87 8.78 -5.24
CA GLN A 514 -13.19 8.13 -6.38
C GLN A 514 -13.67 8.57 -7.77
N TYR A 515 -14.80 9.29 -7.86
CA TYR A 515 -15.33 9.76 -9.15
C TYR A 515 -15.79 11.22 -9.15
N PRO A 516 -15.47 11.97 -10.21
CA PRO A 516 -15.87 13.36 -10.34
C PRO A 516 -17.29 13.45 -10.85
N MET A 517 -18.12 14.25 -10.19
CA MET A 517 -19.48 14.40 -10.62
C MET A 517 -19.83 15.89 -10.81
N ASP A 518 -20.94 16.17 -11.49
CA ASP A 518 -21.40 17.56 -11.69
C ASP A 518 -22.83 17.72 -11.17
N ASP A 519 -23.36 18.95 -11.28
CA ASP A 519 -24.71 19.31 -10.79
C ASP A 519 -25.70 18.37 -11.44
N GLU A 520 -25.31 17.83 -12.57
CA GLU A 520 -26.22 17.08 -13.38
C GLU A 520 -26.34 15.66 -12.84
N ALA A 521 -25.22 15.10 -12.44
CA ALA A 521 -25.23 13.74 -11.94
C ALA A 521 -25.73 13.75 -10.51
N ARG A 522 -25.53 14.88 -9.83
CA ARG A 522 -26.04 15.05 -8.47
C ARG A 522 -27.56 14.96 -8.45
N GLN A 523 -28.20 15.51 -9.46
CA GLN A 523 -29.64 15.47 -9.61
C GLN A 523 -30.17 14.06 -9.63
N ILE A 524 -29.48 13.20 -10.37
CA ILE A 524 -29.78 11.79 -10.32
C ILE A 524 -29.99 11.32 -8.88
N PHE A 525 -29.08 11.68 -7.99
CA PHE A 525 -29.06 11.08 -6.66
C PHE A 525 -30.03 11.72 -5.69
N GLN A 526 -30.36 12.98 -5.92
CA GLN A 526 -31.43 13.69 -5.23
C GLN A 526 -32.80 13.03 -5.57
N ASP A 527 -33.01 12.73 -6.84
CA ASP A 527 -34.21 12.04 -7.31
C ASP A 527 -34.26 10.68 -6.67
N LEU A 528 -33.11 9.99 -6.64
CA LEU A 528 -33.03 8.71 -5.95
C LEU A 528 -33.45 8.83 -4.46
N ALA A 529 -32.92 9.84 -3.78
CA ALA A 529 -33.15 9.94 -2.34
C ALA A 529 -34.65 10.09 -2.08
N GLU A 530 -35.32 10.78 -3.00
CA GLU A 530 -36.75 11.03 -2.89
C GLU A 530 -37.65 9.89 -3.35
N GLU A 531 -37.31 9.22 -4.45
CA GLU A 531 -38.21 8.31 -5.13
C GLU A 531 -37.81 6.89 -4.85
N GLU A 532 -36.53 6.69 -4.54
CA GLU A 532 -36.00 5.37 -4.17
C GLU A 532 -36.13 4.32 -5.26
N PHE A 533 -35.95 4.74 -6.52
CA PHE A 533 -35.92 3.80 -7.63
C PHE A 533 -34.79 2.77 -7.46
N GLY A 534 -34.80 1.74 -8.30
CA GLY A 534 -33.88 0.62 -8.22
C GLY A 534 -32.67 0.73 -9.15
N TYR A 535 -31.92 -0.35 -9.19
CA TYR A 535 -30.70 -0.43 -10.02
C TYR A 535 -30.93 -0.10 -11.50
N LYS A 536 -31.93 -0.73 -12.12
CA LYS A 536 -32.19 -0.50 -13.53
C LYS A 536 -32.35 0.99 -13.86
N THR A 537 -33.11 1.71 -13.05
CA THR A 537 -33.29 3.12 -13.31
C THR A 537 -31.98 3.87 -13.12
N LEU A 538 -31.27 3.54 -12.06
CA LEU A 538 -29.99 4.24 -11.79
C LEU A 538 -28.99 4.08 -12.98
N VAL A 539 -28.82 2.85 -13.44
CA VAL A 539 -27.93 2.61 -14.61
C VAL A 539 -28.34 3.45 -15.79
N LYS A 540 -29.63 3.49 -16.07
CA LYS A 540 -30.12 4.25 -17.21
C LYS A 540 -29.85 5.74 -17.09
N ARG A 541 -30.16 6.30 -15.92
CA ARG A 541 -29.94 7.69 -15.67
C ARG A 541 -28.44 8.05 -15.78
N LEU A 542 -27.58 7.17 -15.30
CA LEU A 542 -26.15 7.40 -15.41
C LEU A 542 -25.73 7.39 -16.89
N GLY A 543 -26.13 6.35 -17.62
CA GLY A 543 -25.82 6.24 -19.04
C GLY A 543 -26.25 7.51 -19.77
N ALA A 544 -27.42 8.01 -19.40
CA ALA A 544 -27.98 9.18 -20.03
C ALA A 544 -27.12 10.43 -19.86
N VAL A 545 -26.18 10.39 -18.93
CA VAL A 545 -25.37 11.58 -18.71
C VAL A 545 -23.88 11.34 -19.01
N GLY A 546 -23.60 10.34 -19.85
CA GLY A 546 -22.26 10.09 -20.31
C GLY A 546 -21.48 9.08 -19.49
N ARG A 547 -22.10 8.53 -18.44
CA ARG A 547 -21.35 7.68 -17.50
C ARG A 547 -21.68 6.19 -17.58
N GLN A 548 -22.06 5.74 -18.76
CA GLN A 548 -22.46 4.37 -18.97
C GLN A 548 -21.37 3.37 -18.62
N GLU A 549 -20.13 3.67 -18.97
CA GLU A 549 -19.02 2.73 -18.74
C GLU A 549 -18.51 2.69 -17.30
N LEU A 550 -18.75 3.74 -16.51
CA LEU A 550 -18.45 3.67 -15.06
C LEU A 550 -19.61 3.18 -14.15
N SER A 551 -20.85 3.32 -14.60
CA SER A 551 -22.02 3.08 -13.79
C SER A 551 -21.94 1.92 -12.79
N THR A 552 -21.40 0.78 -13.17
CA THR A 552 -21.30 -0.31 -12.22
C THR A 552 -20.35 0.02 -11.05
N GLN A 553 -19.27 0.72 -11.39
CA GLN A 553 -18.25 1.06 -10.40
C GLN A 553 -18.82 2.15 -9.50
N ILE A 554 -19.53 3.08 -10.11
CA ILE A 554 -20.12 4.19 -9.39
C ILE A 554 -21.11 3.69 -8.33
N VAL A 555 -22.00 2.77 -8.67
CA VAL A 555 -22.93 2.33 -7.67
C VAL A 555 -22.28 1.42 -6.63
N VAL A 556 -21.33 0.59 -7.05
CA VAL A 556 -20.62 -0.24 -6.04
C VAL A 556 -19.88 0.64 -5.02
N ARG A 557 -19.21 1.66 -5.52
CA ARG A 557 -18.48 2.55 -4.61
C ARG A 557 -19.45 3.29 -3.68
N LEU A 558 -20.58 3.74 -4.19
CA LEU A 558 -21.60 4.40 -3.34
C LEU A 558 -22.16 3.45 -2.30
N MET A 559 -22.25 2.19 -2.63
CA MET A 559 -22.71 1.22 -1.69
C MET A 559 -21.64 1.07 -0.59
N GLU A 560 -20.38 0.82 -0.98
CA GLU A 560 -19.26 0.68 -0.01
C GLU A 560 -19.08 1.95 0.85
N ALA A 561 -19.36 3.11 0.28
CA ALA A 561 -19.28 4.37 1.01
C ALA A 561 -20.43 4.54 2.00
N GLY A 562 -21.41 3.63 1.97
CA GLY A 562 -22.59 3.73 2.84
C GLY A 562 -23.57 4.82 2.42
N LEU A 563 -23.37 5.41 1.25
CA LEU A 563 -24.32 6.35 0.68
C LEU A 563 -25.56 5.70 0.01
N LEU A 564 -25.42 4.52 -0.60
CA LEU A 564 -26.57 3.74 -1.08
C LEU A 564 -26.77 2.44 -0.32
N THR A 565 -28.04 2.16 -0.02
CA THR A 565 -28.44 0.87 0.50
C THR A 565 -29.44 0.21 -0.47
N GLY A 566 -29.24 -1.06 -0.77
CA GLY A 566 -30.05 -1.74 -1.74
C GLY A 566 -30.97 -2.75 -1.14
N TYR A 567 -32.16 -2.86 -1.72
CA TYR A 567 -33.14 -3.79 -1.21
C TYR A 567 -33.68 -4.66 -2.34
N ASP A 568 -33.90 -5.93 -2.06
CA ASP A 568 -34.39 -6.81 -3.12
C ASP A 568 -35.93 -6.84 -3.21
N ALA A 569 -36.47 -7.61 -4.12
CA ALA A 569 -37.93 -7.51 -4.34
C ALA A 569 -38.67 -7.93 -3.08
N GLN A 570 -38.05 -8.79 -2.25
CA GLN A 570 -38.69 -9.26 -1.02
C GLN A 570 -38.42 -8.36 0.19
N GLY A 571 -37.66 -7.29 -0.04
CA GLY A 571 -37.45 -6.25 0.95
C GLY A 571 -36.26 -6.47 1.86
N GLU A 572 -35.43 -7.48 1.51
CA GLU A 572 -34.21 -7.74 2.26
C GLU A 572 -33.06 -6.91 1.68
N LYS A 573 -32.19 -6.45 2.57
CA LYS A 573 -31.03 -5.67 2.17
C LYS A 573 -30.13 -6.50 1.24
N VAL A 574 -29.50 -5.83 0.27
CA VAL A 574 -28.60 -6.54 -0.65
C VAL A 574 -27.16 -6.01 -0.46
N PHE A 575 -26.26 -6.88 0.02
CA PHE A 575 -24.88 -6.46 0.30
C PHE A 575 -23.94 -6.63 -0.87
N VAL A 576 -23.32 -5.52 -1.28
CA VAL A 576 -22.36 -5.51 -2.37
C VAL A 576 -21.02 -4.91 -1.89
N GLN A 577 -19.94 -5.58 -2.25
CA GLN A 577 -18.58 -4.99 -2.24
C GLN A 577 -17.76 -5.56 -3.41
N GLY A 578 -17.16 -4.65 -4.18
CA GLY A 578 -16.41 -5.02 -5.37
C GLY A 578 -14.93 -4.67 -5.34
N ARG A 579 -14.32 -4.79 -4.16
CA ARG A 579 -12.90 -4.46 -4.00
C ARG A 579 -12.08 -5.70 -4.27
N LEU A 580 -11.02 -5.90 -3.50
CA LEU A 580 -10.19 -7.06 -3.74
C LEU A 580 -8.99 -6.84 -4.66
N HIS A 581 -8.32 -5.71 -4.44
CA HIS A 581 -6.93 -5.53 -4.78
C HIS A 581 -6.49 -4.79 -3.53
N PHE A 582 -5.21 -4.94 -3.13
CA PHE A 582 -4.78 -4.28 -1.85
C PHE A 582 -4.19 -2.84 -1.93
N GLY A 583 -4.18 -2.23 -3.12
CA GLY A 583 -3.54 -0.92 -3.24
C GLY A 583 -2.23 -1.09 -3.99
N GLY A 584 -2.05 -0.31 -5.05
CA GLY A 584 -0.85 -0.44 -5.89
C GLY A 584 -0.93 -1.55 -6.92
N VAL A 585 -2.06 -2.25 -6.97
CA VAL A 585 -2.35 -3.28 -8.00
C VAL A 585 -3.69 -2.99 -8.72
N GLY A 586 -3.75 -3.32 -10.02
CA GLY A 586 -5.02 -3.24 -10.80
C GLY A 586 -5.62 -1.85 -10.94
#